data_1Z4Y
#
_entry.id   1Z4Y
#
_cell.length_a   137.600
_cell.length_b   137.600
_cell.length_c   184.950
_cell.angle_alpha   90.00
_cell.angle_beta   90.00
_cell.angle_gamma   120.00
#
_symmetry.space_group_name_H-M   'P 61 2 2'
#
loop_
_entity.id
_entity.type
_entity.pdbx_description
1 polymer Hemagglutinin-neuraminidase
2 branched 2-acetamido-2-deoxy-beta-D-glucopyranose-(1-4)-2-acetamido-2-deoxy-beta-D-glucopyranose
3 non-polymer 2-acetamido-2-deoxy-beta-D-glucopyranose
4 non-polymer 'CALCIUM ION'
5 water water
#
_entity_poly.entity_id   1
_entity_poly.type   'polypeptide(L)'
_entity_poly.pdbx_seq_one_letter_code
;SPSESLITQKQIMSQAGSTGSNSGLGSITDLLNNILSVANQIIYNSAVALPLQLDTLESTLLTAIKSLQTSDKLEQNCSW
SAALINDNRYINGINQFYFSIAEGRNLTLGPLLNMPSFIPTATTPEGCTRIPSFSLTKTHWCYTHNVILNGCQDHVSSNQ
FVSMGIIEPTSAGFPFFRTLKTLYLSDGVNRKSCSISTVPGGCMMYCFVSTQPERDDYFSAAPPEQRIIIMYYNDTIVER
IINPPGVLDVWATLNPGTGSGVYYLGWVLFPIYGGVIKGTSLWNNQANKYFIPQMVAALCSQNQATQVQNAKSSYYSSWF
GNRMIQSGILACPLRQDLTNECLVLPFSNDQVLMGAEGRLYMYGDSVYYYQRSNSWWPMTMLYKVTITFTNGQPSAISAQ
NVPTQQVPRPGTGDCSATNRCPGFCLTGVYADAWLLTNPSSTSTFGSEATFTGSYLNTATQRINPTMYIANNTQIISSQQ
FGSSGQEAAYGHTTCFRDTGSVMVYCIYIIELSSSLLGQFQIVPFIRQVTLS
;
_entity_poly.pdbx_strand_id   A
#
# COMPACT_ATOMS: atom_id res chain seq x y z
N ILE A 85 -24.18 4.13 5.36
CA ILE A 85 -23.19 5.11 5.92
C ILE A 85 -22.72 4.73 7.33
N ASN A 86 -21.47 5.06 7.65
CA ASN A 86 -20.91 4.73 8.97
C ASN A 86 -21.68 5.39 10.10
N ASP A 87 -21.56 4.79 11.29
CA ASP A 87 -22.22 5.27 12.49
C ASP A 87 -21.65 6.63 12.88
N ASN A 88 -22.45 7.45 13.56
CA ASN A 88 -22.03 8.78 13.98
C ASN A 88 -20.76 8.74 14.84
N ARG A 89 -20.45 7.58 15.39
CA ARG A 89 -19.27 7.45 16.22
C ARG A 89 -17.97 7.38 15.43
N TYR A 90 -18.07 7.26 14.11
CA TYR A 90 -16.89 7.16 13.29
C TYR A 90 -16.80 8.18 12.15
N ILE A 91 -17.94 8.68 11.69
CA ILE A 91 -17.92 9.62 10.57
C ILE A 91 -16.92 10.78 10.73
N ASN A 92 -16.61 11.16 11.96
CA ASN A 92 -15.66 12.25 12.19
C ASN A 92 -14.30 11.82 12.75
N GLY A 93 -13.98 10.53 12.64
CA GLY A 93 -12.70 10.08 13.16
C GLY A 93 -11.90 9.31 12.12
N ILE A 94 -12.16 9.62 10.85
CA ILE A 94 -11.51 8.94 9.75
C ILE A 94 -10.52 9.80 8.98
N ASN A 95 -9.43 9.16 8.53
CA ASN A 95 -8.36 9.80 7.77
C ASN A 95 -7.79 11.04 8.40
N GLN A 96 -7.28 10.89 9.61
CA GLN A 96 -6.70 12.01 10.32
C GLN A 96 -5.49 11.58 11.13
N PHE A 97 -4.77 12.56 11.66
CA PHE A 97 -3.64 12.30 12.54
C PHE A 97 -4.34 12.38 13.88
N TYR A 98 -4.34 11.29 14.62
CA TYR A 98 -5.05 11.24 15.89
C TYR A 98 -4.33 11.73 17.14
N PHE A 99 -3.00 11.72 17.13
CA PHE A 99 -2.26 12.15 18.30
C PHE A 99 -1.25 13.26 18.05
N SER A 100 -0.92 13.99 19.11
CA SER A 100 0.03 15.08 19.04
C SER A 100 1.41 14.47 19.25
N ILE A 101 2.45 15.17 18.83
CA ILE A 101 3.81 14.66 18.98
C ILE A 101 4.05 14.15 20.39
N ALA A 102 3.65 14.96 21.38
CA ALA A 102 3.84 14.59 22.78
C ALA A 102 3.09 13.32 23.15
N GLU A 103 1.86 13.15 22.66
CA GLU A 103 1.05 11.97 22.97
C GLU A 103 1.62 10.71 22.33
N GLY A 104 2.16 10.86 21.14
CA GLY A 104 2.72 9.73 20.43
C GLY A 104 3.76 9.00 21.23
N ARG A 105 4.47 9.73 22.08
CA ARG A 105 5.51 9.15 22.92
C ARG A 105 4.99 8.17 23.96
N ASN A 106 3.71 8.28 24.31
CA ASN A 106 3.12 7.42 25.32
C ASN A 106 2.04 6.49 24.77
N LEU A 107 2.18 6.09 23.52
CA LEU A 107 1.18 5.20 22.95
C LEU A 107 1.61 3.75 23.00
N THR A 108 0.64 2.90 23.29
CA THR A 108 0.86 1.48 23.40
C THR A 108 -0.31 0.73 22.77
N LEU A 109 -0.08 -0.52 22.37
CA LEU A 109 -1.12 -1.34 21.76
C LEU A 109 -1.93 -2.14 22.76
N GLY A 110 -3.24 -2.13 22.60
CA GLY A 110 -4.11 -2.87 23.49
C GLY A 110 -4.27 -4.32 23.07
N PRO A 111 -5.03 -5.11 23.82
CA PRO A 111 -5.22 -6.52 23.46
C PRO A 111 -6.05 -6.63 22.17
N LEU A 112 -5.86 -7.71 21.42
CA LEU A 112 -6.62 -7.89 20.21
C LEU A 112 -8.06 -8.15 20.61
N LEU A 113 -8.99 -7.49 19.91
CA LEU A 113 -10.40 -7.64 20.21
C LEU A 113 -11.05 -8.55 19.17
N ASN A 114 -12.05 -9.33 19.60
CA ASN A 114 -12.72 -10.26 18.71
C ASN A 114 -14.00 -9.77 18.07
N MET A 115 -13.96 -9.58 16.76
CA MET A 115 -15.13 -9.14 16.01
C MET A 115 -15.35 -10.13 14.86
N PRO A 116 -16.55 -10.15 14.26
CA PRO A 116 -16.78 -11.08 13.16
C PRO A 116 -15.96 -10.57 11.97
N SER A 117 -15.16 -11.45 11.36
CA SER A 117 -14.33 -11.06 10.24
C SER A 117 -15.15 -10.81 8.99
N PHE A 118 -14.84 -9.71 8.30
CA PHE A 118 -15.54 -9.37 7.07
C PHE A 118 -14.75 -9.84 5.84
N ILE A 119 -13.68 -10.58 6.08
CA ILE A 119 -12.83 -11.10 5.00
C ILE A 119 -13.08 -12.59 4.86
N PRO A 120 -13.67 -13.02 3.75
CA PRO A 120 -13.98 -14.42 3.47
C PRO A 120 -12.81 -15.40 3.42
N THR A 121 -13.09 -16.58 3.94
CA THR A 121 -12.13 -17.68 4.04
C THR A 121 -12.27 -18.68 2.89
N ALA A 122 -11.21 -19.44 2.62
CA ALA A 122 -11.24 -20.46 1.58
C ALA A 122 -11.98 -21.65 2.16
N THR A 123 -12.51 -22.53 1.31
CA THR A 123 -13.23 -23.70 1.81
C THR A 123 -12.54 -25.01 1.45
N THR A 124 -11.30 -24.92 1.01
CA THR A 124 -10.51 -26.10 0.66
C THR A 124 -9.12 -25.87 1.21
N PRO A 125 -8.38 -26.96 1.48
CA PRO A 125 -7.03 -26.84 2.02
C PRO A 125 -6.06 -26.13 1.08
N GLU A 126 -6.27 -26.27 -0.22
CA GLU A 126 -5.34 -25.64 -1.16
C GLU A 126 -5.80 -24.33 -1.79
N GLY A 127 -7.01 -23.91 -1.47
CA GLY A 127 -7.50 -22.64 -2.01
C GLY A 127 -6.61 -21.49 -1.56
N CYS A 128 -6.38 -20.53 -2.44
CA CYS A 128 -5.52 -19.39 -2.11
C CYS A 128 -6.21 -18.03 -2.17
N THR A 129 -6.25 -17.34 -1.02
CA THR A 129 -6.81 -15.99 -0.98
C THR A 129 -5.63 -15.08 -0.65
N ARG A 130 -5.29 -14.16 -1.55
CA ARG A 130 -4.17 -13.26 -1.34
C ARG A 130 -4.35 -11.88 -1.96
N ILE A 131 -3.40 -11.01 -1.66
CA ILE A 131 -3.36 -9.64 -2.17
C ILE A 131 -4.60 -8.81 -1.85
N PRO A 132 -4.79 -8.47 -0.57
CA PRO A 132 -5.94 -7.67 -0.18
C PRO A 132 -5.71 -6.18 -0.43
N SER A 133 -6.80 -5.42 -0.48
CA SER A 133 -6.76 -3.97 -0.65
C SER A 133 -7.94 -3.44 0.16
N PHE A 134 -7.70 -2.43 0.98
CA PHE A 134 -8.74 -1.90 1.84
C PHE A 134 -8.79 -0.37 1.86
N SER A 135 -9.97 0.18 1.65
CA SER A 135 -10.15 1.62 1.65
C SER A 135 -11.28 1.99 2.59
N LEU A 136 -11.01 2.92 3.50
CA LEU A 136 -12.03 3.35 4.44
C LEU A 136 -12.20 4.86 4.34
N THR A 137 -13.44 5.31 4.39
CA THR A 137 -13.72 6.73 4.28
C THR A 137 -14.84 7.14 5.21
N LYS A 138 -15.06 8.44 5.33
CA LYS A 138 -16.10 9.00 6.17
C LYS A 138 -17.41 8.21 6.11
N THR A 139 -17.89 7.95 4.89
CA THR A 139 -19.15 7.25 4.74
C THR A 139 -19.15 5.72 4.75
N HIS A 140 -18.10 5.09 4.22
CA HIS A 140 -18.06 3.63 4.20
C HIS A 140 -16.69 3.06 3.86
N TRP A 141 -16.60 1.73 3.80
CA TRP A 141 -15.35 1.05 3.46
C TRP A 141 -15.49 0.08 2.30
N CYS A 142 -14.39 -0.16 1.61
CA CYS A 142 -14.33 -1.09 0.48
C CYS A 142 -13.22 -2.11 0.72
N TYR A 143 -13.47 -3.37 0.37
CA TYR A 143 -12.47 -4.41 0.53
C TYR A 143 -12.46 -5.37 -0.65
N THR A 144 -11.27 -5.90 -0.97
CA THR A 144 -11.12 -6.82 -2.08
C THR A 144 -9.85 -7.67 -1.96
N HIS A 145 -9.88 -8.86 -2.55
CA HIS A 145 -8.72 -9.72 -2.58
C HIS A 145 -8.84 -10.73 -3.71
N ASN A 146 -7.70 -11.30 -4.09
CA ASN A 146 -7.65 -12.26 -5.18
C ASN A 146 -7.89 -13.69 -4.71
N VAL A 147 -8.62 -14.47 -5.50
CA VAL A 147 -8.90 -15.86 -5.17
C VAL A 147 -8.44 -16.80 -6.28
N ILE A 148 -7.62 -17.78 -5.94
CA ILE A 148 -7.15 -18.75 -6.91
C ILE A 148 -7.55 -20.10 -6.36
N LEU A 149 -8.25 -20.89 -7.18
CA LEU A 149 -8.74 -22.19 -6.73
C LEU A 149 -7.74 -23.26 -6.25
N ASN A 150 -6.59 -23.39 -6.92
CA ASN A 150 -5.62 -24.39 -6.48
C ASN A 150 -4.24 -23.81 -6.25
N GLY A 151 -3.88 -23.56 -5.00
CA GLY A 151 -2.56 -23.02 -4.71
C GLY A 151 -2.44 -21.56 -5.10
N CYS A 152 -1.35 -20.93 -4.70
CA CYS A 152 -1.17 -19.52 -4.99
C CYS A 152 -0.45 -19.17 -6.28
N SER A 158 -7.98 -16.80 -12.05
CA SER A 158 -8.34 -16.29 -10.73
C SER A 158 -9.63 -15.46 -10.72
N ASN A 159 -10.16 -15.24 -9.52
CA ASN A 159 -11.35 -14.44 -9.34
C ASN A 159 -11.04 -13.35 -8.33
N GLN A 160 -11.85 -12.31 -8.30
CA GLN A 160 -11.62 -11.19 -7.40
C GLN A 160 -12.84 -10.93 -6.53
N PHE A 161 -12.69 -11.12 -5.22
CA PHE A 161 -13.78 -10.90 -4.27
C PHE A 161 -13.83 -9.44 -3.85
N VAL A 162 -15.01 -8.82 -3.94
CA VAL A 162 -15.16 -7.42 -3.54
C VAL A 162 -16.22 -7.35 -2.44
N SER A 163 -15.99 -6.47 -1.48
CA SER A 163 -16.89 -6.32 -0.35
C SER A 163 -17.04 -4.83 -0.03
N MET A 164 -18.13 -4.44 0.61
CA MET A 164 -18.30 -3.03 0.98
C MET A 164 -19.32 -2.90 2.11
N GLY A 165 -19.07 -1.93 2.99
CA GLY A 165 -19.99 -1.74 4.10
C GLY A 165 -19.68 -0.54 4.96
N ILE A 166 -20.15 -0.60 6.20
CA ILE A 166 -20.01 0.47 7.16
C ILE A 166 -19.46 -0.03 8.49
N ILE A 167 -19.14 0.91 9.39
CA ILE A 167 -18.64 0.58 10.71
C ILE A 167 -19.69 0.98 11.73
N GLU A 168 -19.91 0.14 12.72
CA GLU A 168 -20.89 0.44 13.76
C GLU A 168 -20.43 -0.19 15.06
N PRO A 169 -20.72 0.48 16.19
CA PRO A 169 -20.32 -0.01 17.51
C PRO A 169 -21.11 -1.20 18.02
N THR A 170 -20.42 -2.07 18.76
CA THR A 170 -21.04 -3.24 19.36
C THR A 170 -21.24 -2.90 20.82
N SER A 171 -21.97 -3.74 21.55
CA SER A 171 -22.21 -3.45 22.95
C SER A 171 -20.95 -3.47 23.83
N ALA A 172 -19.84 -3.95 23.28
CA ALA A 172 -18.57 -4.02 24.03
C ALA A 172 -17.84 -2.70 23.83
N GLY A 173 -18.35 -1.89 22.91
CA GLY A 173 -17.73 -0.61 22.64
C GLY A 173 -16.92 -0.61 21.37
N PHE A 174 -16.29 -1.73 21.03
CA PHE A 174 -15.49 -1.74 19.82
C PHE A 174 -16.29 -1.98 18.54
N PRO A 175 -15.70 -1.63 17.39
CA PRO A 175 -16.27 -1.75 16.05
C PRO A 175 -16.71 -3.11 15.54
N PHE A 176 -17.51 -3.05 14.48
CA PHE A 176 -18.02 -4.20 13.78
C PHE A 176 -18.15 -3.75 12.36
N PHE A 177 -17.32 -4.28 11.48
CA PHE A 177 -17.39 -3.93 10.08
C PHE A 177 -18.54 -4.68 9.45
N ARG A 178 -19.63 -3.98 9.26
CA ARG A 178 -20.85 -4.52 8.70
C ARG A 178 -20.88 -4.51 7.17
N THR A 179 -20.86 -5.70 6.58
CA THR A 179 -20.88 -5.84 5.14
C THR A 179 -22.30 -5.61 4.65
N LEU A 180 -22.45 -4.71 3.68
CA LEU A 180 -23.75 -4.40 3.12
C LEU A 180 -23.93 -4.91 1.69
N LYS A 181 -22.84 -5.34 1.08
CA LYS A 181 -22.89 -5.87 -0.29
C LYS A 181 -21.62 -6.66 -0.55
N THR A 182 -21.75 -7.71 -1.35
CA THR A 182 -20.64 -8.57 -1.70
C THR A 182 -20.67 -8.77 -3.22
N LEU A 183 -19.51 -9.01 -3.80
CA LEU A 183 -19.41 -9.24 -5.24
C LEU A 183 -18.26 -10.20 -5.50
N TYR A 184 -18.40 -11.02 -6.52
CA TYR A 184 -17.35 -11.96 -6.85
C TYR A 184 -17.15 -11.90 -8.36
N LEU A 185 -16.09 -11.22 -8.80
CA LEU A 185 -15.81 -11.11 -10.21
C LEU A 185 -15.16 -12.40 -10.67
N SER A 186 -15.97 -13.26 -11.25
CA SER A 186 -15.52 -14.55 -11.73
C SER A 186 -16.05 -14.69 -13.15
N ASP A 187 -15.21 -14.42 -14.14
CA ASP A 187 -15.65 -14.49 -15.52
C ASP A 187 -14.57 -14.80 -16.55
N GLY A 188 -13.44 -15.33 -16.11
CA GLY A 188 -12.39 -15.64 -17.05
C GLY A 188 -11.33 -14.56 -17.26
N VAL A 189 -11.60 -13.32 -16.83
CA VAL A 189 -10.61 -12.26 -16.96
C VAL A 189 -9.71 -12.29 -15.73
N ASN A 190 -8.43 -12.52 -15.94
CA ASN A 190 -7.46 -12.63 -14.85
C ASN A 190 -7.02 -11.26 -14.30
N ARG A 191 -7.88 -10.66 -13.47
CA ARG A 191 -7.60 -9.37 -12.84
C ARG A 191 -6.67 -9.58 -11.66
N LYS A 192 -5.50 -8.93 -11.70
CA LYS A 192 -4.50 -9.06 -10.63
C LYS A 192 -4.01 -7.73 -10.11
N SER A 193 -3.23 -7.80 -9.02
CA SER A 193 -2.62 -6.65 -8.39
C SER A 193 -3.63 -5.51 -8.22
N CYS A 194 -4.87 -5.84 -7.91
CA CYS A 194 -5.90 -4.82 -7.78
C CYS A 194 -5.81 -3.91 -6.57
N SER A 195 -6.05 -2.62 -6.81
CA SER A 195 -6.07 -1.64 -5.73
C SER A 195 -7.52 -1.18 -5.70
N ILE A 196 -8.06 -0.93 -4.51
CA ILE A 196 -9.42 -0.45 -4.42
C ILE A 196 -9.46 0.87 -3.67
N SER A 197 -10.47 1.68 -4.00
CA SER A 197 -10.66 2.95 -3.35
C SER A 197 -12.14 3.24 -3.19
N THR A 198 -12.45 3.93 -2.11
CA THR A 198 -13.80 4.34 -1.81
C THR A 198 -14.09 5.53 -2.72
N VAL A 199 -15.32 5.64 -3.18
CA VAL A 199 -15.75 6.78 -4.00
C VAL A 199 -17.18 7.06 -3.57
N PRO A 200 -17.67 8.28 -3.80
CA PRO A 200 -19.05 8.55 -3.39
C PRO A 200 -20.01 7.51 -3.97
N GLY A 201 -20.75 6.82 -3.11
CA GLY A 201 -21.70 5.82 -3.56
C GLY A 201 -21.19 4.45 -3.95
N GLY A 202 -19.91 4.17 -3.71
CA GLY A 202 -19.42 2.85 -4.08
C GLY A 202 -17.93 2.66 -3.93
N CYS A 203 -17.37 1.85 -4.83
CA CYS A 203 -15.96 1.54 -4.83
C CYS A 203 -15.46 1.56 -6.26
N MET A 204 -14.23 1.99 -6.44
CA MET A 204 -13.61 1.99 -7.76
C MET A 204 -12.39 1.09 -7.60
N MET A 205 -12.27 0.08 -8.46
CA MET A 205 -11.14 -0.82 -8.35
C MET A 205 -10.29 -0.76 -9.62
N TYR A 206 -8.99 -0.87 -9.44
CA TYR A 206 -8.07 -0.82 -10.56
C TYR A 206 -7.22 -2.09 -10.59
N CYS A 207 -7.29 -2.82 -11.70
CA CYS A 207 -6.55 -4.06 -11.90
C CYS A 207 -5.91 -4.05 -13.26
N PHE A 208 -5.07 -5.06 -13.51
CA PHE A 208 -4.42 -5.20 -14.80
C PHE A 208 -4.71 -6.66 -15.12
N VAL A 209 -4.79 -7.01 -16.40
CA VAL A 209 -5.09 -8.38 -16.78
C VAL A 209 -3.81 -9.15 -17.08
N SER A 210 -3.50 -10.11 -16.21
CA SER A 210 -2.31 -10.94 -16.34
C SER A 210 -2.57 -12.12 -17.27
N THR A 211 -1.64 -12.37 -18.19
CA THR A 211 -1.76 -13.49 -19.14
C THR A 211 -0.45 -14.24 -19.28
N GLN A 212 0.53 -13.91 -18.43
CA GLN A 212 1.83 -14.55 -18.51
C GLN A 212 2.64 -14.22 -17.25
N PRO A 213 3.70 -14.98 -16.98
CA PRO A 213 4.55 -14.75 -15.80
C PRO A 213 4.95 -13.28 -15.69
N GLU A 214 5.08 -12.78 -14.47
CA GLU A 214 5.44 -11.38 -14.24
C GLU A 214 6.60 -10.94 -15.11
N ARG A 215 7.69 -11.68 -15.03
CA ARG A 215 8.89 -11.35 -15.78
C ARG A 215 8.65 -11.12 -17.27
N ASP A 216 7.82 -11.97 -17.87
CA ASP A 216 7.51 -11.84 -19.29
C ASP A 216 6.87 -10.49 -19.60
N ASP A 217 6.08 -9.96 -18.66
CA ASP A 217 5.45 -8.67 -18.86
C ASP A 217 6.52 -7.59 -19.00
N TYR A 218 7.65 -7.74 -18.32
CA TYR A 218 8.70 -6.73 -18.45
C TYR A 218 9.46 -6.80 -19.78
N PHE A 219 9.60 -8.01 -20.32
CA PHE A 219 10.30 -8.18 -21.59
C PHE A 219 9.44 -7.80 -22.79
N SER A 220 8.13 -8.00 -22.69
CA SER A 220 7.25 -7.65 -23.80
C SER A 220 7.08 -6.14 -23.84
N ALA A 221 7.33 -5.53 -25.00
CA ALA A 221 7.22 -4.08 -25.15
C ALA A 221 5.78 -3.58 -24.96
N ALA A 222 4.82 -4.47 -25.13
CA ALA A 222 3.42 -4.11 -24.96
C ALA A 222 3.08 -4.24 -23.50
N PRO A 223 2.29 -3.32 -22.94
CA PRO A 223 1.92 -3.41 -21.54
C PRO A 223 0.66 -4.25 -21.36
N PRO A 224 0.47 -4.88 -20.20
CA PRO A 224 -0.74 -5.69 -20.00
C PRO A 224 -1.95 -4.79 -20.13
N GLU A 225 -3.13 -5.39 -20.25
CA GLU A 225 -4.34 -4.60 -20.35
C GLU A 225 -4.69 -4.02 -18.99
N GLN A 226 -5.21 -2.80 -18.97
CA GLN A 226 -5.56 -2.13 -17.71
C GLN A 226 -7.06 -1.94 -17.61
N ARG A 227 -7.61 -2.13 -16.41
CA ARG A 227 -9.05 -1.96 -16.21
C ARG A 227 -9.42 -1.29 -14.91
N ILE A 228 -10.46 -0.45 -14.95
CA ILE A 228 -10.93 0.18 -13.73
C ILE A 228 -12.44 -0.15 -13.67
N ILE A 229 -12.84 -0.79 -12.58
CA ILE A 229 -14.23 -1.21 -12.38
C ILE A 229 -14.87 -0.34 -11.30
N ILE A 230 -16.02 0.24 -11.60
CA ILE A 230 -16.75 1.04 -10.61
C ILE A 230 -17.95 0.20 -10.20
N MET A 231 -18.11 0.02 -8.89
CA MET A 231 -19.21 -0.76 -8.38
C MET A 231 -20.01 0.11 -7.43
N TYR A 232 -21.23 0.47 -7.82
CA TYR A 232 -22.06 1.32 -6.99
C TYR A 232 -22.87 0.54 -5.99
N TYR A 233 -23.14 1.18 -4.86
CA TYR A 233 -23.92 0.55 -3.81
C TYR A 233 -25.33 0.25 -4.30
N ASN A 234 -25.74 0.89 -5.39
CA ASN A 234 -27.08 0.64 -5.95
C ASN A 234 -26.99 -0.52 -6.91
N ASP A 235 -25.89 -1.25 -6.81
CA ASP A 235 -25.60 -2.45 -7.58
C ASP A 235 -25.33 -2.33 -9.08
N THR A 236 -24.98 -1.14 -9.56
CA THR A 236 -24.63 -0.97 -10.95
C THR A 236 -23.14 -1.26 -11.02
N ILE A 237 -22.68 -1.82 -12.13
CA ILE A 237 -21.26 -2.12 -12.29
C ILE A 237 -20.83 -1.68 -13.67
N VAL A 238 -19.75 -0.90 -13.70
CA VAL A 238 -19.22 -0.38 -14.96
C VAL A 238 -17.72 -0.64 -15.00
N GLU A 239 -17.31 -1.54 -15.88
CA GLU A 239 -15.91 -1.85 -16.05
C GLU A 239 -15.42 -1.27 -17.37
N ARG A 240 -14.24 -0.66 -17.35
CA ARG A 240 -13.65 -0.05 -18.54
C ARG A 240 -12.22 -0.46 -18.78
N ILE A 241 -11.85 -0.61 -20.04
CA ILE A 241 -10.48 -0.94 -20.41
C ILE A 241 -9.86 0.42 -20.72
N ILE A 242 -9.05 0.94 -19.81
CA ILE A 242 -8.43 2.24 -20.00
C ILE A 242 -7.14 2.21 -20.82
N ASN A 243 -6.82 3.36 -21.42
CA ASN A 243 -5.62 3.52 -22.21
C ASN A 243 -5.12 4.92 -21.97
N PRO A 244 -4.44 5.15 -20.83
CA PRO A 244 -3.94 6.49 -20.56
C PRO A 244 -2.77 6.87 -21.46
N PRO A 245 -2.64 8.16 -21.76
CA PRO A 245 -1.54 8.65 -22.60
C PRO A 245 -0.18 8.37 -21.97
N GLY A 246 0.84 8.18 -22.78
CA GLY A 246 2.17 7.96 -22.25
C GLY A 246 2.42 6.62 -21.60
N VAL A 247 1.65 5.61 -21.98
CA VAL A 247 1.84 4.28 -21.43
C VAL A 247 2.31 3.38 -22.55
N LEU A 248 1.58 3.39 -23.66
CA LEU A 248 1.94 2.56 -24.78
C LEU A 248 3.30 3.01 -25.31
N ASP A 249 4.23 2.06 -25.42
CA ASP A 249 5.58 2.31 -25.89
C ASP A 249 6.45 3.10 -24.92
N VAL A 250 6.01 3.23 -23.68
CA VAL A 250 6.79 3.91 -22.65
C VAL A 250 6.97 2.93 -21.51
N TRP A 251 5.87 2.30 -21.10
CA TRP A 251 5.91 1.30 -20.02
C TRP A 251 5.75 -0.10 -20.58
N ALA A 252 6.73 -0.97 -20.34
CA ALA A 252 6.62 -2.34 -20.81
C ALA A 252 5.55 -3.01 -19.93
N THR A 253 5.35 -2.52 -18.72
CA THR A 253 4.32 -3.08 -17.84
C THR A 253 3.85 -1.98 -16.92
N LEU A 254 2.66 -2.18 -16.37
CA LEU A 254 2.06 -1.25 -15.44
C LEU A 254 1.17 -2.10 -14.54
N ASN A 255 1.29 -1.88 -13.23
CA ASN A 255 0.52 -2.62 -12.23
C ASN A 255 -0.02 -1.69 -11.16
N PRO A 256 -1.17 -2.02 -10.57
CA PRO A 256 -1.64 -1.11 -9.52
C PRO A 256 -0.77 -1.54 -8.33
N GLY A 257 -0.60 -0.68 -7.33
CA GLY A 257 0.22 -1.04 -6.19
C GLY A 257 -0.40 -2.01 -5.19
N THR A 258 -1.69 -2.31 -5.37
CA THR A 258 -2.48 -3.20 -4.51
C THR A 258 -2.92 -2.49 -3.25
N GLY A 259 -2.22 -1.43 -2.86
CA GLY A 259 -2.60 -0.69 -1.69
C GLY A 259 -3.79 0.18 -2.08
N SER A 260 -4.57 0.61 -1.11
CA SER A 260 -5.73 1.44 -1.39
C SER A 260 -5.41 2.73 -2.13
N GLY A 261 -6.34 3.14 -2.99
CA GLY A 261 -6.18 4.39 -3.69
C GLY A 261 -6.99 5.39 -2.88
N VAL A 262 -7.13 6.62 -3.35
CA VAL A 262 -7.89 7.61 -2.61
C VAL A 262 -8.70 8.52 -3.52
N TYR A 263 -9.82 9.01 -3.00
CA TYR A 263 -10.66 9.92 -3.75
C TYR A 263 -10.25 11.31 -3.30
N TYR A 264 -9.63 12.04 -4.20
CA TYR A 264 -9.12 13.38 -3.93
C TYR A 264 -9.62 14.40 -4.92
N LEU A 265 -10.19 15.49 -4.40
CA LEU A 265 -10.71 16.57 -5.21
C LEU A 265 -11.35 16.14 -6.53
N GLY A 266 -12.25 15.17 -6.47
CA GLY A 266 -12.92 14.73 -7.69
C GLY A 266 -12.26 13.64 -8.51
N TRP A 267 -11.03 13.29 -8.15
CA TRP A 267 -10.32 12.24 -8.87
C TRP A 267 -10.01 11.06 -7.97
N VAL A 268 -9.84 9.89 -8.57
CA VAL A 268 -9.48 8.72 -7.80
C VAL A 268 -8.02 8.48 -8.15
N LEU A 269 -7.16 8.47 -7.13
CA LEU A 269 -5.73 8.25 -7.33
C LEU A 269 -5.35 6.84 -6.90
N PHE A 270 -4.56 6.16 -7.73
CA PHE A 270 -4.13 4.80 -7.40
C PHE A 270 -2.62 4.68 -7.46
N PRO A 271 -2.03 3.88 -6.56
CA PRO A 271 -0.58 3.75 -6.64
C PRO A 271 -0.28 2.80 -7.79
N ILE A 272 0.77 3.08 -8.55
CA ILE A 272 1.16 2.22 -9.65
C ILE A 272 2.67 2.02 -9.69
N TYR A 273 3.11 1.04 -10.47
CA TYR A 273 4.52 0.78 -10.65
C TYR A 273 4.67 -0.10 -11.88
N GLY A 274 5.89 -0.21 -12.39
CA GLY A 274 6.13 -1.02 -13.57
C GLY A 274 7.53 -0.78 -14.12
N GLY A 275 7.75 -1.17 -15.38
CA GLY A 275 9.06 -0.99 -15.97
C GLY A 275 9.00 -0.08 -17.17
N VAL A 276 9.90 0.90 -17.24
CA VAL A 276 9.91 1.83 -18.35
C VAL A 276 11.01 1.48 -19.36
N ILE A 277 10.67 1.62 -20.63
CA ILE A 277 11.58 1.27 -21.73
C ILE A 277 12.70 2.28 -21.93
N LYS A 278 13.90 1.74 -22.16
CA LYS A 278 15.10 2.53 -22.41
C LYS A 278 14.92 3.38 -23.66
N GLY A 279 15.31 4.65 -23.59
CA GLY A 279 15.21 5.53 -24.75
C GLY A 279 14.00 6.44 -24.77
N THR A 280 13.08 6.22 -23.85
CA THR A 280 11.86 7.04 -23.77
C THR A 280 12.13 8.34 -23.02
N SER A 281 11.23 9.31 -23.17
CA SER A 281 11.40 10.59 -22.48
C SER A 281 11.51 10.37 -20.98
N LEU A 282 10.63 9.55 -20.44
CA LEU A 282 10.63 9.27 -19.01
C LEU A 282 12.01 8.76 -18.61
N TRP A 283 12.46 7.71 -19.29
CA TRP A 283 13.76 7.15 -19.01
C TRP A 283 14.82 8.24 -19.03
N ASN A 284 14.82 9.07 -20.06
CA ASN A 284 15.79 10.16 -20.19
C ASN A 284 15.67 11.21 -19.09
N ASN A 285 14.44 11.61 -18.76
CA ASN A 285 14.23 12.61 -17.72
C ASN A 285 14.58 12.05 -16.35
N GLN A 286 14.54 10.74 -16.21
CA GLN A 286 14.83 10.09 -14.95
C GLN A 286 16.31 9.76 -14.86
N ALA A 287 17.00 9.86 -15.99
CA ALA A 287 18.44 9.56 -16.07
C ALA A 287 19.30 10.26 -15.02
N ASN A 288 20.16 9.48 -14.38
CA ASN A 288 21.08 9.96 -13.37
C ASN A 288 20.44 10.39 -12.06
N LYS A 289 19.16 10.09 -11.88
CA LYS A 289 18.48 10.44 -10.64
C LYS A 289 18.52 9.28 -9.66
N TYR A 290 18.51 9.61 -8.37
CA TYR A 290 18.57 8.60 -7.33
C TYR A 290 18.09 9.24 -6.04
N PHE A 291 17.72 8.42 -5.08
CA PHE A 291 17.26 8.92 -3.80
C PHE A 291 17.90 8.13 -2.67
N ILE A 292 18.45 8.84 -1.68
CA ILE A 292 19.07 8.17 -0.54
C ILE A 292 18.45 8.65 0.76
N PRO A 293 17.78 7.76 1.49
CA PRO A 293 17.16 8.15 2.76
C PRO A 293 18.15 8.83 3.72
N GLN A 294 17.67 9.90 4.33
CA GLN A 294 18.39 10.74 5.28
C GLN A 294 19.14 10.04 6.40
N MET A 295 18.66 8.87 6.81
CA MET A 295 19.32 8.16 7.89
C MET A 295 20.21 7.00 7.46
N VAL A 296 20.55 6.99 6.18
CA VAL A 296 21.42 5.96 5.61
C VAL A 296 22.91 6.19 5.94
N ALA A 297 23.36 7.42 5.75
CA ALA A 297 24.74 7.78 6.03
C ALA A 297 25.27 7.24 7.35
N ALA A 298 24.58 7.57 8.43
CA ALA A 298 25.01 7.12 9.74
C ALA A 298 25.05 5.59 9.87
N LEU A 299 24.27 4.89 9.07
CA LEU A 299 24.23 3.43 9.16
C LEU A 299 24.99 2.67 8.09
N CYS A 300 25.31 3.34 7.00
CA CYS A 300 26.03 2.70 5.89
C CYS A 300 27.53 2.90 6.00
N SER A 301 28.29 1.87 5.63
CA SER A 301 29.75 1.95 5.70
C SER A 301 30.43 2.41 4.42
N GLN A 302 29.68 2.47 3.31
CA GLN A 302 30.26 2.92 2.03
C GLN A 302 30.38 4.45 2.08
N ASN A 303 31.20 5.03 1.22
CA ASN A 303 31.35 6.48 1.22
C ASN A 303 30.31 7.14 0.31
N GLN A 304 30.07 8.42 0.53
CA GLN A 304 29.09 9.18 -0.23
C GLN A 304 29.13 8.96 -1.74
N ALA A 305 30.31 8.84 -2.32
CA ALA A 305 30.43 8.65 -3.77
C ALA A 305 30.02 7.26 -4.24
N THR A 306 30.41 6.24 -3.48
CA THR A 306 30.08 4.86 -3.79
C THR A 306 28.57 4.63 -3.66
N GLN A 307 27.99 5.22 -2.61
CA GLN A 307 26.56 5.09 -2.35
C GLN A 307 25.76 5.69 -3.49
N VAL A 308 26.15 6.89 -3.92
CA VAL A 308 25.46 7.57 -5.01
C VAL A 308 25.45 6.74 -6.30
N GLN A 309 26.59 6.14 -6.61
CA GLN A 309 26.73 5.33 -7.81
C GLN A 309 25.83 4.11 -7.75
N ASN A 310 25.82 3.42 -6.61
CA ASN A 310 25.00 2.24 -6.45
C ASN A 310 23.51 2.58 -6.47
N ALA A 311 23.14 3.68 -5.82
CA ALA A 311 21.75 4.09 -5.78
C ALA A 311 21.23 4.38 -7.18
N LYS A 312 22.04 5.01 -8.03
CA LYS A 312 21.60 5.32 -9.38
C LYS A 312 21.25 4.05 -10.15
N SER A 313 22.07 3.03 -9.96
CA SER A 313 21.89 1.75 -10.64
C SER A 313 20.72 0.91 -10.12
N SER A 314 20.28 1.17 -8.90
CA SER A 314 19.19 0.40 -8.30
C SER A 314 17.82 0.56 -8.97
N TYR A 315 17.68 1.51 -9.88
CA TYR A 315 16.41 1.72 -10.56
C TYR A 315 16.31 0.95 -11.88
N TYR A 316 17.34 0.17 -12.20
CA TYR A 316 17.35 -0.59 -13.44
C TYR A 316 17.50 -2.08 -13.14
N SER A 317 16.63 -2.89 -13.75
CA SER A 317 16.66 -4.32 -13.54
C SER A 317 16.98 -5.10 -14.81
N SER A 318 18.07 -5.85 -14.78
CA SER A 318 18.46 -6.65 -15.93
C SER A 318 17.62 -7.92 -15.97
N TRP A 319 17.19 -8.36 -14.79
CA TRP A 319 16.37 -9.55 -14.67
C TRP A 319 14.96 -9.29 -15.22
N PHE A 320 14.47 -8.08 -15.04
CA PHE A 320 13.15 -7.72 -15.56
C PHE A 320 13.26 -6.91 -16.85
N GLY A 321 13.73 -7.59 -17.90
CA GLY A 321 13.84 -6.98 -19.22
C GLY A 321 14.63 -5.69 -19.40
N ASN A 322 15.57 -5.40 -18.50
CA ASN A 322 16.35 -4.18 -18.62
C ASN A 322 15.47 -2.92 -18.67
N ARG A 323 14.56 -2.81 -17.71
CA ARG A 323 13.66 -1.68 -17.63
C ARG A 323 13.95 -0.87 -16.39
N MET A 324 13.51 0.38 -16.40
CA MET A 324 13.69 1.24 -15.24
C MET A 324 12.45 0.99 -14.38
N ILE A 325 12.63 0.38 -13.22
CA ILE A 325 11.49 0.08 -12.34
C ILE A 325 11.03 1.40 -11.71
N GLN A 326 9.83 1.82 -12.13
CA GLN A 326 9.25 3.09 -11.73
C GLN A 326 8.02 3.03 -10.83
N SER A 327 7.96 3.94 -9.87
CA SER A 327 6.81 4.05 -8.96
C SER A 327 6.03 5.27 -9.41
N GLY A 328 4.72 5.27 -9.20
CA GLY A 328 3.95 6.43 -9.62
C GLY A 328 2.50 6.43 -9.15
N ILE A 329 1.72 7.36 -9.69
CA ILE A 329 0.31 7.47 -9.34
C ILE A 329 -0.56 7.53 -10.58
N LEU A 330 -1.69 6.83 -10.55
CA LEU A 330 -2.62 6.83 -11.66
C LEU A 330 -3.81 7.65 -11.18
N ALA A 331 -4.14 8.71 -11.92
CA ALA A 331 -5.25 9.57 -11.53
C ALA A 331 -6.41 9.49 -12.51
N CYS A 332 -7.55 9.00 -12.05
CA CYS A 332 -8.71 8.88 -12.90
C CYS A 332 -9.86 9.76 -12.47
N PRO A 333 -10.45 10.51 -13.41
CA PRO A 333 -11.58 11.36 -13.02
C PRO A 333 -12.75 10.41 -12.82
N LEU A 334 -13.59 10.69 -11.84
CA LEU A 334 -14.73 9.83 -11.56
C LEU A 334 -15.79 9.93 -12.67
N ARG A 335 -15.69 9.05 -13.66
CA ARG A 335 -16.63 9.00 -14.79
C ARG A 335 -16.98 7.54 -15.07
N GLN A 336 -18.08 7.30 -15.77
CA GLN A 336 -18.50 5.94 -16.08
C GLN A 336 -18.10 5.53 -17.50
N ASP A 337 -17.51 6.47 -18.24
CA ASP A 337 -17.11 6.24 -19.62
C ASP A 337 -15.61 6.45 -19.82
N LEU A 338 -14.83 6.14 -18.79
CA LEU A 338 -13.38 6.30 -18.87
C LEU A 338 -12.78 5.54 -20.04
N THR A 339 -11.83 6.17 -20.72
CA THR A 339 -11.13 5.57 -21.85
C THR A 339 -9.67 5.95 -21.72
N ASN A 340 -9.36 7.22 -22.00
CA ASN A 340 -7.99 7.71 -21.92
C ASN A 340 -7.90 9.01 -21.12
N GLU A 341 -8.78 9.19 -20.13
CA GLU A 341 -8.75 10.40 -19.30
C GLU A 341 -7.90 10.18 -18.06
N CYS A 342 -7.61 8.92 -17.72
CA CYS A 342 -6.78 8.66 -16.56
C CYS A 342 -5.37 9.09 -16.92
N LEU A 343 -4.66 9.62 -15.95
CA LEU A 343 -3.31 10.10 -16.18
C LEU A 343 -2.26 9.38 -15.35
N VAL A 344 -1.14 9.06 -15.99
CA VAL A 344 -0.04 8.39 -15.31
C VAL A 344 0.96 9.47 -14.88
N LEU A 345 1.17 9.58 -13.57
CA LEU A 345 2.08 10.56 -13.01
C LEU A 345 3.19 9.84 -12.28
N PRO A 346 4.38 9.73 -12.90
CA PRO A 346 5.46 9.04 -12.21
C PRO A 346 6.16 9.93 -11.19
N PHE A 347 6.71 9.31 -10.16
CA PHE A 347 7.44 10.04 -9.14
C PHE A 347 8.85 10.29 -9.68
N SER A 348 9.46 11.37 -9.24
CA SER A 348 10.82 11.69 -9.66
C SER A 348 11.71 10.70 -8.94
N ASN A 349 12.69 10.12 -9.64
CA ASN A 349 13.56 9.17 -8.98
C ASN A 349 14.57 9.80 -8.03
N ASP A 350 14.49 11.12 -7.86
CA ASP A 350 15.34 11.87 -6.94
C ASP A 350 14.61 11.94 -5.60
N GLN A 351 13.34 11.53 -5.57
CA GLN A 351 12.57 11.61 -4.33
C GLN A 351 12.03 10.28 -3.85
N VAL A 352 12.13 9.27 -4.70
CA VAL A 352 11.59 7.97 -4.38
C VAL A 352 12.56 6.87 -4.76
N LEU A 353 12.45 5.72 -4.10
CA LEU A 353 13.32 4.58 -4.40
C LEU A 353 12.75 3.83 -5.59
N MET A 354 13.39 2.73 -5.97
CA MET A 354 12.95 1.93 -7.09
C MET A 354 11.47 1.60 -7.02
N GLY A 355 10.80 1.62 -8.17
CA GLY A 355 9.37 1.31 -8.21
C GLY A 355 9.00 0.04 -7.47
N ALA A 356 7.80 0.05 -6.87
CA ALA A 356 7.30 -1.11 -6.12
C ALA A 356 5.83 -0.92 -5.81
N GLU A 357 5.25 -1.89 -5.13
CA GLU A 357 3.85 -1.81 -4.74
C GLU A 357 3.75 -0.63 -3.79
N GLY A 358 2.53 -0.19 -3.50
CA GLY A 358 2.38 0.94 -2.61
C GLY A 358 0.94 1.20 -2.27
N ARG A 359 0.73 2.25 -1.50
CA ARG A 359 -0.60 2.62 -1.06
C ARG A 359 -0.68 4.13 -0.93
N LEU A 360 -1.89 4.67 -1.11
CA LEU A 360 -2.11 6.10 -1.00
C LEU A 360 -3.00 6.35 0.20
N TYR A 361 -2.73 7.43 0.92
CA TYR A 361 -3.51 7.77 2.11
C TYR A 361 -4.03 9.19 2.07
N MET A 362 -4.84 9.50 3.05
CA MET A 362 -5.43 10.80 3.18
C MET A 362 -5.41 11.15 4.66
N TYR A 363 -4.72 12.23 5.01
CA TYR A 363 -4.67 12.69 6.38
C TYR A 363 -5.12 14.11 6.25
N GLY A 364 -6.40 14.35 6.49
CA GLY A 364 -6.92 15.69 6.33
C GLY A 364 -6.93 16.00 4.85
N ASP A 365 -6.31 17.10 4.46
CA ASP A 365 -6.27 17.50 3.07
C ASP A 365 -4.99 17.06 2.36
N SER A 366 -4.09 16.42 3.10
CA SER A 366 -2.81 15.98 2.52
C SER A 366 -2.82 14.52 2.09
N VAL A 367 -2.20 14.26 0.95
CA VAL A 367 -2.11 12.91 0.42
C VAL A 367 -0.76 12.32 0.82
N TYR A 368 -0.75 11.05 1.20
CA TYR A 368 0.49 10.39 1.58
C TYR A 368 0.66 9.12 0.78
N TYR A 369 1.90 8.69 0.62
CA TYR A 369 2.21 7.51 -0.15
C TYR A 369 3.11 6.55 0.59
N TYR A 370 2.77 5.26 0.53
CA TYR A 370 3.60 4.23 1.15
C TYR A 370 4.23 3.46 0.01
N GLN A 371 5.55 3.34 0.03
CA GLN A 371 6.23 2.60 -1.02
C GLN A 371 6.93 1.39 -0.46
N ARG A 372 6.49 0.21 -0.91
CA ARG A 372 7.09 -1.03 -0.47
C ARG A 372 8.59 -0.94 -0.71
N SER A 373 9.37 -1.50 0.20
CA SER A 373 10.82 -1.49 0.08
C SER A 373 11.26 -2.75 -0.64
N ASN A 374 11.23 -2.69 -1.97
CA ASN A 374 11.61 -3.84 -2.78
C ASN A 374 13.03 -3.67 -3.31
N SER A 375 13.71 -2.62 -2.85
CA SER A 375 15.08 -2.33 -3.29
C SER A 375 16.08 -2.56 -2.14
N TRP A 376 17.13 -1.78 -2.09
CA TRP A 376 18.17 -1.95 -1.06
C TRP A 376 17.84 -1.55 0.38
N TRP A 377 17.17 -0.41 0.56
CA TRP A 377 16.79 0.09 1.89
C TRP A 377 15.62 -0.74 2.42
N PRO A 378 15.82 -1.49 3.52
CA PRO A 378 14.79 -2.33 4.11
C PRO A 378 13.79 -1.71 5.10
N MET A 379 13.83 -0.39 5.29
CA MET A 379 12.94 0.25 6.25
C MET A 379 11.69 0.87 5.60
N THR A 380 10.66 1.06 6.42
CA THR A 380 9.38 1.61 6.00
C THR A 380 9.52 2.96 5.32
N MET A 381 8.95 3.07 4.13
CA MET A 381 9.01 4.31 3.36
C MET A 381 7.66 5.02 3.21
N LEU A 382 7.57 6.21 3.80
CA LEU A 382 6.35 7.02 3.73
C LEU A 382 6.69 8.40 3.18
N TYR A 383 5.84 8.92 2.30
CA TYR A 383 6.10 10.23 1.72
C TYR A 383 4.87 11.12 1.71
N LYS A 384 5.07 12.42 1.91
CA LYS A 384 3.95 13.34 1.85
C LYS A 384 3.90 13.78 0.39
N VAL A 385 2.80 13.48 -0.29
CA VAL A 385 2.66 13.80 -1.71
C VAL A 385 1.97 15.14 -1.99
N THR A 386 2.62 15.98 -2.78
CA THR A 386 2.07 17.28 -3.15
C THR A 386 1.65 17.17 -4.60
N ILE A 387 0.37 17.37 -4.86
CA ILE A 387 -0.14 17.27 -6.22
C ILE A 387 -0.43 18.60 -6.89
N THR A 388 0.09 18.76 -8.09
CA THR A 388 -0.07 19.97 -8.87
C THR A 388 -1.13 19.77 -9.95
N PHE A 389 -2.06 20.71 -10.02
CA PHE A 389 -3.12 20.66 -11.03
C PHE A 389 -2.91 21.80 -12.02
N THR A 390 -2.96 21.46 -13.31
CA THR A 390 -2.83 22.44 -14.36
C THR A 390 -4.09 22.31 -15.19
N ASN A 391 -4.96 23.33 -15.09
CA ASN A 391 -6.21 23.34 -15.84
C ASN A 391 -7.17 22.26 -15.36
N GLY A 392 -7.29 22.12 -14.05
CA GLY A 392 -8.18 21.12 -13.48
C GLY A 392 -7.73 19.70 -13.67
N GLN A 393 -6.47 19.50 -14.04
CA GLN A 393 -5.93 18.16 -14.23
C GLN A 393 -4.61 17.96 -13.51
N PRO A 394 -4.46 16.81 -12.84
CA PRO A 394 -3.20 16.53 -12.13
C PRO A 394 -2.09 16.61 -13.15
N SER A 395 -1.08 17.44 -12.90
CA SER A 395 0.01 17.56 -13.87
C SER A 395 1.36 17.10 -13.35
N ALA A 396 1.50 17.00 -12.03
CA ALA A 396 2.78 16.57 -11.49
C ALA A 396 2.71 16.28 -10.00
N ILE A 397 3.50 15.30 -9.55
CA ILE A 397 3.52 14.96 -8.13
C ILE A 397 4.93 15.12 -7.57
N SER A 398 5.00 15.47 -6.28
CA SER A 398 6.27 15.67 -5.59
C SER A 398 6.16 14.93 -4.26
N ALA A 399 7.21 14.20 -3.88
CA ALA A 399 7.18 13.43 -2.63
C ALA A 399 8.27 13.77 -1.62
N GLN A 400 7.86 13.93 -0.37
CA GLN A 400 8.79 14.24 0.70
C GLN A 400 8.79 13.08 1.70
N ASN A 401 9.94 12.44 1.83
CA ASN A 401 10.08 11.29 2.71
C ASN A 401 10.12 11.64 4.19
N VAL A 402 9.50 10.78 4.99
CA VAL A 402 9.49 10.90 6.45
C VAL A 402 10.67 10.01 6.85
N PRO A 403 11.83 10.62 7.13
CA PRO A 403 13.05 9.88 7.51
C PRO A 403 12.99 8.94 8.72
N THR A 404 13.21 7.66 8.46
CA THR A 404 13.21 6.67 9.53
C THR A 404 14.26 5.59 9.26
N GLN A 405 14.44 4.73 10.24
CA GLN A 405 15.35 3.61 10.11
C GLN A 405 14.61 2.53 10.89
N GLN A 406 13.31 2.71 10.98
CA GLN A 406 12.50 1.75 11.69
C GLN A 406 11.48 0.95 10.94
N VAL A 407 11.44 -0.31 11.38
CA VAL A 407 10.61 -1.36 10.88
C VAL A 407 11.18 -1.83 9.57
N PRO A 408 12.02 -2.85 9.66
CA PRO A 408 12.70 -3.51 8.55
C PRO A 408 11.78 -4.57 7.98
N ARG A 409 12.14 -5.10 6.82
CA ARG A 409 11.33 -6.10 6.17
C ARG A 409 12.25 -7.21 5.68
N PRO A 410 11.78 -8.46 5.75
CA PRO A 410 12.58 -9.60 5.30
C PRO A 410 12.88 -9.53 3.81
N GLY A 411 14.16 -9.65 3.48
CA GLY A 411 14.59 -9.63 2.11
C GLY A 411 15.47 -10.83 1.86
N THR A 412 16.00 -10.96 0.65
CA THR A 412 16.87 -12.07 0.31
C THR A 412 18.30 -11.59 0.07
N GLY A 413 19.27 -12.49 0.27
CA GLY A 413 20.67 -12.17 0.05
C GLY A 413 21.27 -10.95 0.73
N ASP A 414 21.89 -10.08 -0.05
CA ASP A 414 22.51 -8.87 0.48
C ASP A 414 21.50 -7.74 0.62
N CYS A 415 20.24 -8.13 0.78
CA CYS A 415 19.16 -7.16 0.93
C CYS A 415 18.22 -7.65 2.01
N SER A 416 18.77 -8.20 3.07
CA SER A 416 17.95 -8.68 4.17
C SER A 416 17.56 -7.45 4.99
N ALA A 417 16.88 -7.68 6.11
CA ALA A 417 16.46 -6.57 6.96
C ALA A 417 17.68 -5.87 7.58
N THR A 418 18.86 -6.48 7.46
CA THR A 418 20.08 -5.89 8.04
C THR A 418 20.90 -5.07 7.05
N ASN A 419 20.48 -5.02 5.79
CA ASN A 419 21.20 -4.24 4.79
C ASN A 419 21.02 -2.76 5.05
N ARG A 420 22.03 -1.97 4.70
CA ARG A 420 21.98 -0.54 4.91
C ARG A 420 22.68 0.17 3.76
N CYS A 421 23.24 -0.61 2.84
CA CYS A 421 23.99 -0.04 1.73
C CYS A 421 23.31 -0.15 0.38
N PRO A 422 23.38 0.92 -0.42
CA PRO A 422 22.79 0.99 -1.76
C PRO A 422 23.34 -0.07 -2.69
N GLY A 423 22.51 -0.47 -3.64
CA GLY A 423 22.91 -1.48 -4.60
C GLY A 423 21.63 -1.88 -5.28
N PHE A 424 21.69 -2.85 -6.17
CA PHE A 424 20.47 -3.27 -6.83
C PHE A 424 19.87 -4.49 -6.14
N CYS A 425 18.63 -4.35 -5.71
CA CYS A 425 17.91 -5.42 -5.04
C CYS A 425 16.52 -5.54 -5.65
N LEU A 426 15.90 -6.71 -5.51
CA LEU A 426 14.56 -6.95 -6.03
C LEU A 426 13.90 -8.00 -5.13
N THR A 427 13.76 -7.64 -3.86
CA THR A 427 13.19 -8.53 -2.85
C THR A 427 12.51 -7.70 -1.76
N GLY A 428 11.58 -8.31 -1.03
CA GLY A 428 10.88 -7.62 0.02
C GLY A 428 9.45 -8.08 0.25
N VAL A 429 8.70 -7.30 1.00
CA VAL A 429 7.30 -7.61 1.28
C VAL A 429 6.54 -6.32 1.39
N TYR A 430 5.23 -6.42 1.22
CA TYR A 430 4.37 -5.27 1.36
C TYR A 430 4.03 -5.22 2.84
N ALA A 431 4.31 -4.08 3.45
CA ALA A 431 4.04 -3.85 4.86
C ALA A 431 3.89 -2.36 5.04
N ASP A 432 2.66 -1.86 4.86
CA ASP A 432 2.42 -0.43 4.98
C ASP A 432 2.33 0.00 6.42
N ALA A 433 2.37 1.31 6.64
CA ALA A 433 2.31 1.86 7.99
C ALA A 433 1.38 3.06 8.01
N TRP A 434 0.70 3.22 9.13
CA TRP A 434 -0.24 4.32 9.33
C TRP A 434 0.36 5.35 10.29
N LEU A 435 0.37 6.61 9.88
CA LEU A 435 0.92 7.68 10.70
C LEU A 435 -0.07 8.16 11.75
N LEU A 436 0.22 7.84 13.01
CA LEU A 436 -0.63 8.22 14.13
C LEU A 436 -0.35 9.66 14.56
N THR A 437 0.73 10.23 14.02
CA THR A 437 1.19 11.57 14.35
C THR A 437 1.49 12.37 13.08
N ASN A 438 1.29 13.68 13.12
CA ASN A 438 1.55 14.53 11.95
C ASN A 438 3.03 14.88 11.79
N PRO A 439 3.65 14.50 10.65
CA PRO A 439 5.07 14.81 10.42
C PRO A 439 5.36 16.30 10.22
N SER A 440 4.36 17.06 9.81
CA SER A 440 4.51 18.49 9.58
C SER A 440 4.39 19.31 10.86
N SER A 441 4.08 18.65 11.97
CA SER A 441 3.93 19.31 13.27
C SER A 441 5.24 19.66 13.96
N THR A 442 6.35 19.12 13.46
CA THR A 442 7.66 19.42 14.02
C THR A 442 8.32 20.42 13.09
N SER A 443 9.16 21.30 13.65
CA SER A 443 9.85 22.32 12.87
C SER A 443 10.53 21.74 11.63
N THR A 444 11.15 20.58 11.80
CA THR A 444 11.80 19.88 10.68
C THR A 444 10.89 18.71 10.35
N PHE A 445 10.35 18.70 9.14
CA PHE A 445 9.45 17.64 8.70
C PHE A 445 9.85 16.23 9.13
N GLY A 446 8.92 15.55 9.82
CA GLY A 446 9.17 14.19 10.27
C GLY A 446 10.32 13.95 11.23
N SER A 447 10.76 14.96 11.97
CA SER A 447 11.86 14.78 12.92
C SER A 447 11.43 13.83 14.03
N GLU A 448 10.15 13.87 14.38
CA GLU A 448 9.60 12.97 15.38
C GLU A 448 8.24 12.44 14.91
N ALA A 449 8.30 11.31 14.20
CA ALA A 449 7.12 10.68 13.64
C ALA A 449 6.81 9.35 14.33
N THR A 450 5.52 9.05 14.43
CA THR A 450 5.06 7.82 15.05
C THR A 450 4.11 7.10 14.11
N PHE A 451 4.38 5.83 13.85
CA PHE A 451 3.53 5.06 12.96
C PHE A 451 3.24 3.68 13.52
N THR A 452 2.23 3.03 12.96
CA THR A 452 1.85 1.71 13.42
C THR A 452 1.59 0.81 12.21
N GLY A 453 1.73 -0.49 12.40
CA GLY A 453 1.49 -1.43 11.32
C GLY A 453 1.96 -2.80 11.73
N SER A 454 2.17 -3.66 10.74
CA SER A 454 2.67 -4.99 11.05
C SER A 454 3.90 -5.20 10.20
N TYR A 455 4.78 -6.08 10.65
CA TYR A 455 5.99 -6.38 9.90
C TYR A 455 6.42 -7.78 10.27
N LEU A 456 7.16 -8.42 9.36
CA LEU A 456 7.65 -9.76 9.59
C LEU A 456 9.02 -9.67 10.25
N ASN A 457 9.07 -10.01 11.54
CA ASN A 457 10.32 -9.91 12.29
C ASN A 457 11.33 -11.02 12.05
N THR A 458 12.07 -10.87 10.96
CA THR A 458 13.10 -11.82 10.58
C THR A 458 13.88 -11.12 9.47
N ALA A 459 15.10 -11.58 9.22
CA ALA A 459 15.93 -10.95 8.20
C ALA A 459 15.66 -11.37 6.76
N THR A 460 15.37 -12.64 6.53
CA THR A 460 15.13 -13.10 5.17
C THR A 460 13.89 -13.96 4.94
N GLN A 461 13.24 -14.38 6.01
CA GLN A 461 12.05 -15.21 5.89
C GLN A 461 10.74 -14.46 6.13
N ARG A 462 9.68 -14.91 5.48
CA ARG A 462 8.38 -14.27 5.68
C ARG A 462 7.79 -14.98 6.88
N ILE A 463 8.34 -14.65 8.04
CA ILE A 463 7.95 -15.27 9.29
C ILE A 463 7.81 -14.30 10.45
N ASN A 464 7.15 -14.77 11.51
CA ASN A 464 6.94 -14.00 12.73
C ASN A 464 6.20 -12.68 12.59
N PRO A 465 4.96 -12.71 12.06
CA PRO A 465 4.21 -11.46 11.92
C PRO A 465 4.09 -10.75 13.27
N THR A 466 4.35 -9.44 13.28
CA THR A 466 4.29 -8.67 14.53
C THR A 466 3.66 -7.31 14.34
N MET A 467 2.66 -7.00 15.16
CA MET A 467 1.99 -5.71 15.10
C MET A 467 2.78 -4.78 16.01
N TYR A 468 2.96 -3.54 15.58
CA TYR A 468 3.77 -2.60 16.35
C TYR A 468 3.37 -1.13 16.21
N ILE A 469 4.05 -0.32 17.01
CA ILE A 469 3.94 1.14 17.02
C ILE A 469 5.40 1.54 17.10
N ALA A 470 5.80 2.54 16.32
CA ALA A 470 7.21 2.94 16.32
C ALA A 470 7.44 4.40 15.92
N ASN A 471 8.60 4.94 16.33
CA ASN A 471 8.94 6.30 15.95
C ASN A 471 10.03 6.10 14.91
N ASN A 472 10.79 7.15 14.56
CA ASN A 472 11.83 7.03 13.53
C ASN A 472 12.99 6.09 13.78
N THR A 473 13.33 5.88 15.04
CA THR A 473 14.51 5.06 15.37
C THR A 473 14.21 3.82 16.18
N GLN A 474 13.04 3.76 16.80
CA GLN A 474 12.72 2.60 17.62
C GLN A 474 11.26 2.18 17.61
N ILE A 475 11.05 0.94 18.04
CA ILE A 475 9.73 0.35 18.15
C ILE A 475 9.39 0.52 19.63
N ILE A 476 8.39 1.35 19.92
CA ILE A 476 8.00 1.62 21.29
C ILE A 476 6.90 0.69 21.83
N SER A 477 6.37 -0.18 20.98
CA SER A 477 5.32 -1.13 21.39
C SER A 477 5.14 -2.20 20.32
N SER A 478 5.05 -3.46 20.75
CA SER A 478 4.91 -4.54 19.78
C SER A 478 4.41 -5.84 20.37
N GLN A 479 3.70 -6.62 19.55
CA GLN A 479 3.21 -7.92 19.98
C GLN A 479 3.15 -8.85 18.79
N GLN A 480 3.98 -9.89 18.85
CA GLN A 480 4.04 -10.88 17.79
C GLN A 480 2.79 -11.74 17.82
N PHE A 481 2.37 -12.24 16.67
CA PHE A 481 1.20 -13.11 16.64
C PHE A 481 1.57 -14.57 16.40
N GLY A 482 1.00 -15.45 17.21
CA GLY A 482 1.28 -16.86 17.07
C GLY A 482 2.66 -17.19 17.57
N SER A 483 3.07 -18.46 17.46
CA SER A 483 4.39 -18.86 17.91
C SER A 483 5.39 -18.64 16.80
N SER A 484 6.67 -18.53 17.16
CA SER A 484 7.73 -18.29 16.19
C SER A 484 7.75 -19.31 15.06
N GLY A 485 8.01 -18.83 13.85
CA GLY A 485 8.02 -19.70 12.70
C GLY A 485 6.74 -19.55 11.91
N GLN A 486 5.72 -18.97 12.55
CA GLN A 486 4.44 -18.72 11.89
C GLN A 486 4.65 -17.89 10.62
N GLU A 487 4.26 -18.45 9.48
CA GLU A 487 4.38 -17.78 8.20
C GLU A 487 3.26 -16.78 7.95
N ALA A 488 3.61 -15.66 7.32
CA ALA A 488 2.66 -14.61 6.99
C ALA A 488 3.16 -13.94 5.72
N ALA A 489 2.44 -12.93 5.24
CA ALA A 489 2.89 -12.23 4.04
C ALA A 489 2.63 -10.72 4.11
N TYR A 490 1.69 -10.22 3.31
CA TYR A 490 1.39 -8.78 3.31
C TYR A 490 0.60 -8.31 4.53
N GLY A 491 0.73 -7.03 4.84
CA GLY A 491 0.04 -6.44 5.97
C GLY A 491 -0.43 -5.05 5.59
N HIS A 492 -1.74 -4.82 5.67
CA HIS A 492 -2.34 -3.51 5.37
C HIS A 492 -2.92 -3.01 6.68
N THR A 493 -2.49 -1.83 7.14
CA THR A 493 -2.96 -1.27 8.40
C THR A 493 -3.78 -0.01 8.20
N THR A 494 -4.84 0.12 9.00
CA THR A 494 -5.73 1.28 8.92
C THR A 494 -6.26 1.63 10.31
N CYS A 495 -6.26 2.92 10.63
CA CYS A 495 -6.76 3.35 11.93
C CYS A 495 -7.84 4.43 11.80
N PHE A 496 -8.71 4.50 12.79
CA PHE A 496 -9.79 5.48 12.83
C PHE A 496 -10.13 5.68 14.30
N ARG A 497 -10.92 6.70 14.60
CA ARG A 497 -11.26 6.98 15.98
C ARG A 497 -12.75 6.97 16.30
N ASP A 498 -13.07 6.49 17.49
CA ASP A 498 -14.44 6.46 17.98
C ASP A 498 -14.56 7.81 18.69
N THR A 499 -15.21 8.76 18.03
CA THR A 499 -15.34 10.05 18.64
C THR A 499 -16.27 10.01 19.84
N GLY A 500 -16.90 8.86 20.06
CA GLY A 500 -17.80 8.73 21.20
C GLY A 500 -17.04 8.36 22.46
N SER A 501 -16.25 7.30 22.38
CA SER A 501 -15.46 6.84 23.52
C SER A 501 -14.10 7.50 23.50
N VAL A 502 -13.76 8.12 22.37
CA VAL A 502 -12.50 8.82 22.18
C VAL A 502 -11.28 7.91 22.14
N MET A 503 -11.40 6.76 21.50
CA MET A 503 -10.26 5.88 21.37
C MET A 503 -10.02 5.47 19.94
N VAL A 504 -8.76 5.23 19.63
CA VAL A 504 -8.37 4.83 18.30
C VAL A 504 -8.28 3.33 18.16
N TYR A 505 -8.80 2.84 17.04
CA TYR A 505 -8.74 1.43 16.75
C TYR A 505 -8.02 1.33 15.44
N CYS A 506 -7.12 0.36 15.35
CA CYS A 506 -6.42 0.13 14.11
C CYS A 506 -6.75 -1.29 13.73
N ILE A 507 -6.88 -1.51 12.44
CA ILE A 507 -7.18 -2.83 11.93
C ILE A 507 -5.92 -3.25 11.19
N TYR A 508 -5.42 -4.43 11.52
CA TYR A 508 -4.21 -4.93 10.86
C TYR A 508 -4.57 -6.15 10.03
N ILE A 509 -4.75 -5.93 8.73
CA ILE A 509 -5.11 -7.02 7.82
C ILE A 509 -3.84 -7.76 7.41
N ILE A 510 -3.68 -8.97 7.92
CA ILE A 510 -2.50 -9.77 7.64
C ILE A 510 -2.76 -11.11 6.96
N GLU A 511 -1.96 -11.44 5.93
CA GLU A 511 -2.11 -12.72 5.25
C GLU A 511 -1.37 -13.75 6.12
N LEU A 512 -2.11 -14.66 6.71
CA LEU A 512 -1.50 -15.68 7.56
C LEU A 512 -1.49 -17.04 6.89
N SER A 513 -0.36 -17.73 7.00
CA SER A 513 -0.25 -19.06 6.45
C SER A 513 -1.10 -19.92 7.36
N SER A 514 -2.08 -20.62 6.81
CA SER A 514 -2.92 -21.47 7.65
C SER A 514 -2.68 -22.95 7.40
N SER A 515 -2.94 -23.75 8.42
CA SER A 515 -2.73 -25.18 8.35
C SER A 515 -4.02 -25.96 8.09
N LEU A 516 -5.16 -25.36 8.45
CA LEU A 516 -6.47 -26.01 8.29
C LEU A 516 -7.14 -25.73 6.95
N LEU A 517 -7.63 -24.51 6.74
CA LEU A 517 -8.30 -24.15 5.49
C LEU A 517 -7.53 -23.11 4.67
N GLY A 518 -7.28 -23.43 3.40
CA GLY A 518 -6.56 -22.53 2.51
C GLY A 518 -5.09 -22.31 2.76
N GLN A 519 -4.38 -21.82 1.74
CA GLN A 519 -2.95 -21.53 1.84
C GLN A 519 -2.77 -20.43 2.87
N PHE A 520 -3.52 -19.36 2.68
CA PHE A 520 -3.48 -18.22 3.58
C PHE A 520 -4.87 -17.90 4.08
N GLN A 521 -4.92 -17.24 5.23
CA GLN A 521 -6.17 -16.78 5.80
C GLN A 521 -5.88 -15.31 6.01
N ILE A 522 -6.56 -14.45 5.28
CA ILE A 522 -6.34 -13.02 5.46
C ILE A 522 -7.21 -12.63 6.66
N VAL A 523 -6.58 -12.18 7.73
CA VAL A 523 -7.28 -11.81 8.95
C VAL A 523 -7.30 -10.33 9.26
N PRO A 524 -8.47 -9.79 9.62
CA PRO A 524 -8.57 -8.37 9.95
C PRO A 524 -8.43 -8.20 11.46
N PHE A 525 -7.22 -8.30 11.97
CA PHE A 525 -6.98 -8.13 13.40
C PHE A 525 -7.34 -6.71 13.80
N ILE A 526 -7.92 -6.56 14.98
CA ILE A 526 -8.26 -5.22 15.45
C ILE A 526 -7.94 -5.08 16.92
N ARG A 527 -7.36 -3.94 17.27
CA ARG A 527 -7.03 -3.66 18.66
C ARG A 527 -7.02 -2.16 18.83
N GLN A 528 -6.88 -1.70 20.06
CA GLN A 528 -6.87 -0.27 20.30
C GLN A 528 -5.47 0.26 20.49
N VAL A 529 -5.28 1.53 20.20
CA VAL A 529 -4.00 2.19 20.39
C VAL A 529 -4.26 3.11 21.57
N THR A 530 -3.78 2.68 22.74
CA THR A 530 -3.97 3.41 23.98
C THR A 530 -2.96 4.52 24.23
N LEU A 531 -3.45 5.59 24.84
CA LEU A 531 -2.60 6.72 25.19
C LEU A 531 -2.33 6.57 26.68
N SER A 532 -1.06 6.33 27.02
CA SER A 532 -0.62 6.16 28.40
C SER A 532 0.53 5.15 28.43
#